data_5AG5
#
_entry.id   5AG5
#
_cell.length_a   48.492
_cell.length_b   90.802
_cell.length_c   53.324
_cell.angle_alpha   90.00
_cell.angle_beta   114.07
_cell.angle_gamma   90.00
#
_symmetry.space_group_name_H-M   'P 1 21 1'
#
loop_
_entity.id
_entity.type
_entity.pdbx_description
1 polymer 'GLYCYLPEPTIDE N-TETRADECANOYLTRANSFERASE'
2 non-polymer (2R)-3-benzyl-2-(1H-indazol-5-yl)-1,3-thiazolidin-4-one
3 non-polymer TETRADECANOYL-COA
4 water water
#
_entity_poly.entity_id   1
_entity_poly.type   'polypeptide(L)'
_entity_poly.pdbx_seq_one_letter_code
;MGSSHHHHHHSSGRENLYFQGPSNSDAAHAFWSTQPVPQTEDETEKIVFAGPMDEPKTVADIPEEPYPIASTFEWWTPNM
EAADDIHAIYELLRDNYVEDDDSMFRFNYSEEFLQWALCPPNYIPDWHVAVRRKADKKLLAFIAGVPVTLRMGTPKYMKV
KAQEKGEGEEAAKYDEPRHICEINFLCVHKQLREKRLAPILIKEATRRVNRTNVWQAVYTAGVLLPTPYASGQYFHRSLN
PEKLVEIRFSGIPAQYQKFQNPMAMLKRNYQLPSAPKNSGLREMKPSDVPQVRRILMNYLDSFDVGPVFSDAEISHYLLP
RDGVVFTYVVENDKKVTDFFSFYRIPSTVIGNSNYNLLNAAYVHYYAATSIPLHQLILDLLIVAHSRGFDVCNMVEILDN
RSFVEQLKFGAGDGHLRYYFYNWAYPKIKPSQVALVML
;
_entity_poly.pdbx_strand_id   A
#
# COMPACT_ATOMS: atom_id res chain seq x y z
N ALA A 28 0.93 14.92 -23.67
CA ALA A 28 1.99 15.51 -22.83
C ALA A 28 1.47 15.52 -21.37
N HIS A 29 2.38 15.75 -20.44
CA HIS A 29 2.09 15.74 -19.04
C HIS A 29 2.72 17.02 -18.62
N ALA A 30 1.98 18.11 -18.69
CA ALA A 30 2.51 19.42 -18.34
C ALA A 30 3.26 19.41 -16.98
N PHE A 31 2.77 18.64 -16.00
CA PHE A 31 3.46 18.55 -14.69
C PHE A 31 4.59 17.50 -14.69
N TRP A 32 4.25 16.25 -14.98
CA TRP A 32 5.21 15.18 -14.80
C TRP A 32 6.41 15.29 -15.72
N SER A 33 6.24 15.97 -16.87
CA SER A 33 7.41 16.26 -17.78
C SER A 33 8.43 17.20 -17.10
N THR A 34 8.02 17.90 -16.05
CA THR A 34 8.96 18.78 -15.35
C THR A 34 9.72 18.09 -14.19
N GLN A 35 9.43 16.79 -13.96
CA GLN A 35 9.84 16.11 -12.75
C GLN A 35 10.95 15.10 -13.01
N PRO A 36 11.77 14.80 -11.98
CA PRO A 36 12.84 13.81 -12.13
C PRO A 36 12.34 12.34 -11.98
N VAL A 37 11.59 11.90 -12.98
CA VAL A 37 11.13 10.55 -13.16
C VAL A 37 11.39 10.15 -14.61
N PRO A 38 11.58 8.85 -14.89
CA PRO A 38 11.62 8.54 -16.31
C PRO A 38 10.29 8.90 -17.00
N GLN A 39 10.38 9.36 -18.24
CA GLN A 39 9.23 9.92 -18.93
C GLN A 39 8.40 8.94 -19.80
N THR A 40 8.98 7.81 -20.18
CA THR A 40 8.37 6.86 -21.11
C THR A 40 8.77 5.45 -20.71
N GLU A 41 7.95 4.48 -21.14
CA GLU A 41 8.20 3.06 -20.92
C GLU A 41 9.55 2.76 -21.56
N ASP A 42 9.78 3.45 -22.69
CA ASP A 42 11.08 3.38 -23.40
C ASP A 42 12.35 3.82 -22.67
N GLU A 43 12.25 4.83 -21.82
CA GLU A 43 13.36 5.24 -20.99
C GLU A 43 13.60 4.14 -19.94
N THR A 44 12.64 3.74 -19.24
CA THR A 44 12.88 2.79 -18.17
C THR A 44 13.30 1.40 -18.58
N GLU A 45 12.85 0.87 -19.81
CA GLU A 45 13.40 -0.36 -20.36
C GLU A 45 14.92 -0.31 -20.59
N LYS A 46 15.49 0.88 -20.78
CA LYS A 46 16.93 1.05 -20.98
C LYS A 46 17.73 1.13 -19.66
N ILE A 47 17.07 1.48 -18.55
CA ILE A 47 17.75 1.68 -17.26
C ILE A 47 18.40 0.42 -16.74
N VAL A 48 19.63 0.52 -16.29
CA VAL A 48 20.25 -0.70 -15.78
C VAL A 48 20.70 -0.55 -14.34
N PHE A 49 21.07 0.63 -13.90
CA PHE A 49 21.48 0.74 -12.54
C PHE A 49 20.53 1.59 -11.74
N ALA A 50 20.42 1.28 -10.45
CA ALA A 50 19.65 2.13 -9.54
C ALA A 50 20.47 3.36 -9.22
N GLY A 51 19.80 4.49 -9.14
CA GLY A 51 20.47 5.74 -8.88
C GLY A 51 19.53 6.92 -9.04
N PRO A 52 19.96 8.07 -8.54
CA PRO A 52 19.18 9.28 -8.51
C PRO A 52 19.02 9.80 -9.96
N MET A 53 17.92 10.49 -10.26
CA MET A 53 17.79 11.12 -11.60
C MET A 53 18.31 12.56 -11.59
N ASP A 54 17.93 13.30 -10.57
CA ASP A 54 18.17 14.74 -10.46
C ASP A 54 19.60 15.11 -10.17
N GLU A 55 19.92 16.40 -10.41
CA GLU A 55 21.12 17.06 -9.88
C GLU A 55 21.21 16.90 -8.35
N PRO A 56 22.38 16.54 -7.80
CA PRO A 56 22.52 16.55 -6.35
C PRO A 56 22.22 17.93 -5.78
N LYS A 57 21.57 17.98 -4.62
CA LYS A 57 21.19 19.24 -4.02
C LYS A 57 21.28 19.12 -2.56
N THR A 58 21.08 20.23 -1.89
CA THR A 58 21.34 20.26 -0.47
C THR A 58 20.13 20.87 0.15
N VAL A 59 19.93 20.66 1.47
CA VAL A 59 18.79 21.26 2.17
C VAL A 59 18.76 22.78 1.96
N ALA A 60 19.96 23.42 2.12
CA ALA A 60 20.12 24.87 1.91
C ALA A 60 19.66 25.38 0.49
N ASP A 61 19.67 24.54 -0.56
CA ASP A 61 19.15 24.95 -1.85
C ASP A 61 17.63 25.07 -1.88
N ILE A 62 16.97 24.49 -0.86
CA ILE A 62 15.54 24.29 -0.96
C ILE A 62 14.88 25.46 -0.30
N PRO A 63 13.85 26.04 -0.95
CA PRO A 63 13.16 27.19 -0.41
C PRO A 63 12.63 26.84 0.98
N GLU A 64 12.91 27.74 1.92
CA GLU A 64 12.45 27.52 3.26
C GLU A 64 10.93 27.78 3.45
N GLU A 65 10.30 28.55 2.54
CA GLU A 65 8.86 28.92 2.69
C GLU A 65 7.96 28.06 1.77
N PRO A 66 6.73 27.72 2.24
CA PRO A 66 5.84 26.93 1.41
C PRO A 66 5.62 27.55 0.03
N TYR A 67 5.38 26.67 -0.93
CA TYR A 67 5.07 27.04 -2.27
C TYR A 67 3.84 28.01 -2.27
N PRO A 68 3.87 29.09 -3.06
CA PRO A 68 2.85 30.13 -3.08
C PRO A 68 1.57 29.44 -3.47
N ILE A 69 0.46 29.77 -2.85
CA ILE A 69 -0.85 29.34 -3.37
C ILE A 69 -1.82 30.54 -3.35
N ALA A 70 -3.00 30.41 -3.91
CA ALA A 70 -3.95 31.56 -3.93
C ALA A 70 -4.25 32.03 -2.54
N SER A 71 -4.42 33.34 -2.43
CA SER A 71 -4.59 34.05 -1.17
C SER A 71 -5.87 33.61 -0.41
N THR A 72 -6.83 32.99 -1.09
CA THR A 72 -8.02 32.50 -0.42
C THR A 72 -7.71 31.17 0.28
N PHE A 73 -6.53 30.61 0.02
CA PHE A 73 -6.16 29.30 0.60
C PHE A 73 -4.98 29.45 1.54
N GLU A 74 -4.76 28.41 2.37
CA GLU A 74 -3.57 28.32 3.22
C GLU A 74 -3.16 26.85 3.40
N TRP A 75 -1.88 26.66 3.65
CA TRP A 75 -1.29 25.34 3.95
C TRP A 75 -1.57 25.08 5.39
N TRP A 76 -1.89 23.82 5.72
CA TRP A 76 -2.22 23.40 7.11
C TRP A 76 -1.50 22.09 7.38
N THR A 77 -0.74 22.01 8.47
CA THR A 77 -0.14 20.77 8.89
C THR A 77 -1.08 20.21 9.99
N PRO A 78 -1.92 19.23 9.63
CA PRO A 78 -2.83 18.68 10.62
C PRO A 78 -2.03 17.94 11.66
N ASN A 79 -2.59 17.88 12.87
CA ASN A 79 -1.97 17.15 13.96
C ASN A 79 -2.67 15.77 14.00
N MET A 80 -1.94 14.74 13.53
CA MET A 80 -2.62 13.49 13.15
C MET A 80 -2.75 12.63 14.39
N GLU A 81 -2.51 13.27 15.55
CA GLU A 81 -2.86 12.77 16.84
C GLU A 81 -3.92 13.66 17.60
N ALA A 82 -4.48 14.68 16.94
CA ALA A 82 -5.63 15.47 17.44
C ALA A 82 -6.87 14.81 16.82
N ALA A 83 -7.79 14.29 17.65
CA ALA A 83 -8.94 13.56 17.08
C ALA A 83 -9.69 14.38 16.07
N ASP A 84 -9.80 15.68 16.31
CA ASP A 84 -10.57 16.49 15.40
C ASP A 84 -9.82 16.74 14.07
N ASP A 85 -8.49 16.79 14.05
CA ASP A 85 -7.76 16.94 12.76
C ASP A 85 -7.84 15.62 11.96
N ILE A 86 -7.63 14.49 12.65
CA ILE A 86 -7.83 13.17 12.05
C ILE A 86 -9.23 13.13 11.49
N HIS A 87 -10.24 13.51 12.29
CA HIS A 87 -11.61 13.48 11.77
C HIS A 87 -11.78 14.31 10.48
N ALA A 88 -11.14 15.48 10.43
CA ALA A 88 -11.20 16.33 9.26
C ALA A 88 -10.66 15.63 7.99
N ILE A 89 -9.49 14.94 8.13
CA ILE A 89 -8.87 14.21 7.05
C ILE A 89 -9.77 13.07 6.66
N TYR A 90 -10.28 12.38 7.68
CA TYR A 90 -11.20 11.26 7.50
C TYR A 90 -12.37 11.60 6.57
N GLU A 91 -13.03 12.73 6.86
CA GLU A 91 -14.16 13.18 6.07
C GLU A 91 -13.75 13.49 4.65
N LEU A 92 -12.59 14.10 4.46
CA LEU A 92 -12.18 14.45 3.11
C LEU A 92 -12.03 13.18 2.31
N LEU A 93 -11.31 12.21 2.86
CA LEU A 93 -11.06 10.96 2.12
C LEU A 93 -12.36 10.17 1.97
N ARG A 94 -13.22 10.19 3.00
CA ARG A 94 -14.52 9.45 2.91
C ARG A 94 -15.32 9.92 1.69
N ASP A 95 -15.32 11.23 1.45
CA ASP A 95 -16.14 11.78 0.37
C ASP A 95 -15.46 11.95 -0.97
N ASN A 96 -14.11 11.91 -0.96
CA ASN A 96 -13.38 12.37 -2.16
C ASN A 96 -12.19 11.53 -2.58
N TYR A 97 -11.94 10.42 -1.88
CA TYR A 97 -10.77 9.63 -2.17
C TYR A 97 -11.10 8.58 -3.23
N VAL A 98 -10.26 7.56 -3.35
CA VAL A 98 -10.23 6.72 -4.58
C VAL A 98 -11.56 5.93 -4.72
N GLU A 99 -12.13 5.97 -5.92
CA GLU A 99 -13.30 5.12 -6.27
C GLU A 99 -12.85 4.08 -7.31
N ASP A 100 -13.65 3.05 -7.49
CA ASP A 100 -13.45 2.15 -8.63
C ASP A 100 -13.81 2.88 -9.95
N ASP A 101 -13.49 2.25 -11.08
CA ASP A 101 -13.73 2.86 -12.40
C ASP A 101 -15.21 3.02 -12.68
N ASP A 102 -16.06 2.25 -11.98
CA ASP A 102 -17.54 2.41 -12.19
C ASP A 102 -18.23 3.21 -11.11
N SER A 103 -17.44 3.82 -10.22
CA SER A 103 -18.04 4.61 -9.14
C SER A 103 -19.18 3.85 -8.42
N MET A 104 -18.82 2.66 -7.98
CA MET A 104 -19.67 1.79 -7.16
C MET A 104 -19.14 1.75 -5.73
N PHE A 105 -17.80 1.93 -5.60
CA PHE A 105 -17.16 1.89 -4.29
C PHE A 105 -16.18 3.00 -4.14
N ARG A 106 -16.05 3.46 -2.90
CA ARG A 106 -15.04 4.46 -2.54
C ARG A 106 -14.44 4.04 -1.19
N PHE A 107 -13.11 4.14 -1.08
CA PHE A 107 -12.48 3.70 0.16
C PHE A 107 -13.04 4.52 1.31
N ASN A 108 -13.16 3.88 2.46
CA ASN A 108 -13.60 4.58 3.66
C ASN A 108 -12.61 4.29 4.79
N TYR A 109 -11.34 4.67 4.58
CA TYR A 109 -10.34 4.48 5.64
C TYR A 109 -10.79 5.05 6.94
N SER A 110 -10.62 4.30 8.03
CA SER A 110 -11.19 4.78 9.31
C SER A 110 -10.26 5.80 9.97
N GLU A 111 -10.78 6.56 10.94
CA GLU A 111 -9.90 7.47 11.74
C GLU A 111 -8.72 6.73 12.41
N GLU A 112 -8.99 5.53 12.95
CA GLU A 112 -8.00 4.78 13.70
C GLU A 112 -6.95 4.26 12.69
N PHE A 113 -7.43 3.84 11.52
CA PHE A 113 -6.52 3.43 10.43
C PHE A 113 -5.63 4.59 10.02
N LEU A 114 -6.21 5.80 9.87
CA LEU A 114 -5.38 6.95 9.40
C LEU A 114 -4.31 7.31 10.44
N GLN A 115 -4.65 7.24 11.71
CA GLN A 115 -3.66 7.56 12.72
C GLN A 115 -2.52 6.51 12.70
N TRP A 116 -2.89 5.25 12.53
CA TRP A 116 -1.92 4.14 12.40
C TRP A 116 -1.03 4.34 11.20
N ALA A 117 -1.60 4.62 10.02
CA ALA A 117 -0.80 4.69 8.78
C ALA A 117 0.05 5.96 8.75
N LEU A 118 -0.43 7.04 9.34
CA LEU A 118 0.28 8.33 9.17
C LEU A 118 1.29 8.61 10.30
N CYS A 119 1.23 7.89 11.39
CA CYS A 119 2.13 8.20 12.52
C CYS A 119 2.97 6.99 12.95
N PRO A 120 3.74 6.40 12.01
CA PRO A 120 4.62 5.34 12.49
C PRO A 120 5.83 5.93 13.27
N PRO A 121 6.69 5.07 13.81
CA PRO A 121 7.84 5.62 14.57
C PRO A 121 8.71 6.58 13.77
N ASN A 122 9.03 7.68 14.43
CA ASN A 122 9.87 8.70 13.84
C ASN A 122 9.26 9.40 12.66
N TYR A 123 7.94 9.35 12.54
CA TYR A 123 7.25 10.11 11.48
C TYR A 123 7.48 11.64 11.65
N ILE A 124 7.31 12.34 10.55
CA ILE A 124 7.65 13.76 10.51
C ILE A 124 6.33 14.48 10.34
N PRO A 125 5.85 15.16 11.39
CA PRO A 125 4.53 15.79 11.24
C PRO A 125 4.48 16.73 10.02
N ASP A 126 5.59 17.40 9.64
CA ASP A 126 5.59 18.38 8.55
C ASP A 126 5.25 17.72 7.18
N TRP A 127 5.45 16.41 7.08
CA TRP A 127 5.16 15.68 5.82
C TRP A 127 3.70 15.39 5.59
N HIS A 128 2.85 15.76 6.53
CA HIS A 128 1.42 15.66 6.33
C HIS A 128 0.92 17.05 5.91
N VAL A 129 0.46 17.15 4.66
CA VAL A 129 0.32 18.46 4.03
C VAL A 129 -1.12 18.58 3.63
N ALA A 130 -1.78 19.62 4.11
CA ALA A 130 -3.17 19.90 3.70
C ALA A 130 -3.28 21.33 3.19
N VAL A 131 -4.28 21.55 2.34
CA VAL A 131 -4.74 22.87 1.93
C VAL A 131 -6.16 23.05 2.50
N ARG A 132 -6.38 24.14 3.24
CA ARG A 132 -7.74 24.59 3.51
C ARG A 132 -8.10 25.98 3.03
N ARG A 133 -9.40 26.20 2.92
CA ARG A 133 -9.93 27.47 2.47
C ARG A 133 -9.72 28.42 3.65
N LYS A 134 -9.05 29.56 3.44
CA LYS A 134 -8.64 30.44 4.54
C LYS A 134 -9.85 30.86 5.40
N ALA A 135 -10.94 31.24 4.72
CA ALA A 135 -12.20 31.67 5.34
C ALA A 135 -12.66 30.81 6.52
N ASP A 136 -13.14 29.61 6.19
CA ASP A 136 -13.86 28.68 7.10
C ASP A 136 -13.01 27.48 7.55
N LYS A 137 -11.78 27.39 7.03
CA LYS A 137 -10.92 26.22 7.25
C LYS A 137 -11.52 24.91 6.73
N LYS A 138 -12.40 24.98 5.72
CA LYS A 138 -12.83 23.79 5.00
C LYS A 138 -11.61 23.12 4.31
N LEU A 139 -11.35 21.87 4.67
CA LEU A 139 -10.25 21.11 4.12
C LEU A 139 -10.57 20.78 2.67
N LEU A 140 -9.62 21.05 1.75
CA LEU A 140 -9.88 20.88 0.31
C LEU A 140 -8.94 19.89 -0.44
N ALA A 141 -7.77 19.63 0.12
CA ALA A 141 -6.82 18.73 -0.48
C ALA A 141 -5.87 18.18 0.63
N PHE A 142 -5.17 17.07 0.36
CA PHE A 142 -4.27 16.47 1.33
C PHE A 142 -3.29 15.65 0.58
N ILE A 143 -2.09 15.49 1.16
CA ILE A 143 -1.14 14.44 0.70
C ILE A 143 -0.31 14.11 1.94
N ALA A 144 0.11 12.84 2.11
CA ALA A 144 0.92 12.50 3.27
C ALA A 144 2.18 11.75 2.87
N GLY A 145 3.29 12.16 3.49
CA GLY A 145 4.49 11.37 3.43
C GLY A 145 4.75 10.70 4.78
N VAL A 146 5.26 9.47 4.77
CA VAL A 146 5.81 8.89 6.01
C VAL A 146 7.21 8.38 5.72
N PRO A 147 8.08 8.30 6.75
CA PRO A 147 9.39 7.66 6.49
C PRO A 147 9.31 6.18 6.23
N VAL A 148 10.21 5.68 5.38
CA VAL A 148 10.46 4.24 5.23
C VAL A 148 11.94 4.02 4.93
N THR A 149 12.49 2.95 5.47
CA THR A 149 13.86 2.56 5.12
C THR A 149 13.67 1.54 4.04
N LEU A 150 14.17 1.80 2.84
CA LEU A 150 13.89 0.85 1.74
C LEU A 150 15.14 0.38 1.09
N ARG A 151 15.28 -0.93 0.93
CA ARG A 151 16.25 -1.45 -0.05
C ARG A 151 15.76 -1.20 -1.48
N MET A 152 16.61 -0.54 -2.28
CA MET A 152 16.24 -0.11 -3.60
C MET A 152 17.49 0.02 -4.48
N GLY A 153 18.50 -0.81 -4.19
CA GLY A 153 19.65 -0.92 -5.10
C GLY A 153 19.33 -1.74 -6.35
N THR A 154 20.29 -1.77 -7.28
CA THR A 154 20.13 -2.58 -8.50
C THR A 154 19.58 -3.97 -8.25
N PRO A 155 18.56 -4.36 -9.02
CA PRO A 155 18.03 -5.69 -8.82
C PRO A 155 19.04 -6.82 -9.16
N LYS A 156 18.85 -7.98 -8.55
CA LYS A 156 19.70 -9.16 -8.79
C LYS A 156 20.01 -9.46 -10.28
N TYR A 157 18.98 -9.50 -11.13
CA TYR A 157 19.22 -9.82 -12.54
C TYR A 157 20.06 -8.71 -13.28
N MET A 158 19.91 -7.45 -12.90
CA MET A 158 20.83 -6.45 -13.45
C MET A 158 22.22 -6.60 -12.87
N LYS A 159 22.32 -7.00 -11.60
CA LYS A 159 23.62 -7.12 -10.92
C LYS A 159 24.43 -8.21 -11.59
N VAL A 160 23.73 -9.21 -12.12
CA VAL A 160 24.28 -10.30 -12.93
C VAL A 160 24.89 -9.80 -14.23
N LYS A 161 24.08 -9.16 -15.08
CA LYS A 161 24.57 -8.52 -16.28
C LYS A 161 25.81 -7.67 -15.91
N ALA A 162 25.74 -6.96 -14.79
CA ALA A 162 26.75 -5.99 -14.44
C ALA A 162 28.05 -6.69 -14.31
N GLN A 163 28.00 -7.87 -13.69
CA GLN A 163 29.18 -8.70 -13.45
C GLN A 163 29.79 -9.23 -14.73
N GLU A 164 28.94 -9.80 -15.59
CA GLU A 164 29.32 -10.26 -16.92
C GLU A 164 30.16 -9.15 -17.60
N LYS A 165 29.71 -7.90 -17.45
CA LYS A 165 30.29 -6.71 -18.09
C LYS A 165 31.38 -5.93 -17.35
N GLY A 166 31.85 -6.42 -16.19
CA GLY A 166 32.84 -5.72 -15.32
C GLY A 166 32.40 -4.44 -14.59
N GLU A 167 31.08 -4.29 -14.40
CA GLU A 167 30.46 -3.04 -13.90
C GLU A 167 29.77 -3.17 -12.51
N GLY A 168 30.14 -4.22 -11.78
CA GLY A 168 29.73 -4.49 -10.39
C GLY A 168 29.75 -3.34 -9.38
N GLU A 169 30.83 -2.54 -9.32
CA GLU A 169 30.82 -1.41 -8.38
C GLU A 169 29.76 -0.35 -8.75
N GLU A 170 29.63 -0.01 -10.04
CA GLU A 170 28.51 0.81 -10.52
C GLU A 170 27.18 0.18 -10.00
N ALA A 171 26.94 -1.09 -10.30
CA ALA A 171 25.71 -1.79 -9.95
C ALA A 171 25.37 -1.76 -8.48
N ALA A 172 26.40 -1.78 -7.62
CA ALA A 172 26.21 -1.88 -6.17
C ALA A 172 26.26 -0.55 -5.44
N LYS A 173 26.52 0.55 -6.12
CA LYS A 173 26.75 1.80 -5.38
C LYS A 173 25.59 2.18 -4.42
N TYR A 174 24.36 1.76 -4.73
CA TYR A 174 23.25 2.31 -3.95
C TYR A 174 22.51 1.14 -3.24
N ASP A 175 23.30 0.14 -2.80
CA ASP A 175 22.79 -1.09 -2.26
C ASP A 175 22.29 -0.88 -0.85
N GLU A 176 22.87 0.07 -0.12
CA GLU A 176 22.52 0.25 1.27
C GLU A 176 21.07 0.75 1.37
N PRO A 177 20.32 0.23 2.35
CA PRO A 177 18.92 0.72 2.59
C PRO A 177 18.88 2.27 2.73
N ARG A 178 17.86 2.91 2.18
CA ARG A 178 17.82 4.34 2.17
C ARG A 178 16.62 4.81 2.95
N HIS A 179 16.76 5.91 3.63
CA HIS A 179 15.63 6.51 4.38
C HIS A 179 14.99 7.47 3.45
N ILE A 180 13.81 7.07 2.97
CA ILE A 180 13.12 7.85 1.96
C ILE A 180 11.74 8.11 2.46
N CYS A 181 10.93 8.69 1.58
CA CYS A 181 9.55 9.08 1.93
C CYS A 181 8.57 8.14 1.20
N GLU A 182 7.48 7.77 1.87
CA GLU A 182 6.44 7.00 1.23
C GLU A 182 5.26 7.94 1.14
N ILE A 183 4.80 8.18 -0.07
CA ILE A 183 3.66 9.10 -0.28
C ILE A 183 2.37 8.30 -0.49
N ASN A 184 1.27 8.80 0.09
CA ASN A 184 -0.08 8.17 -0.04
C ASN A 184 -1.12 9.21 0.32
N PHE A 185 -2.39 8.91 0.06
CA PHE A 185 -3.53 9.74 0.46
C PHE A 185 -3.61 11.12 -0.19
N LEU A 186 -3.07 11.23 -1.39
CA LEU A 186 -3.23 12.42 -2.22
C LEU A 186 -4.74 12.53 -2.56
N CYS A 187 -5.36 13.68 -2.30
CA CYS A 187 -6.77 13.76 -2.53
C CYS A 187 -7.12 15.24 -2.68
N VAL A 188 -7.84 15.59 -3.75
CA VAL A 188 -8.36 16.90 -3.97
C VAL A 188 -9.89 16.80 -3.91
N HIS A 189 -10.49 17.70 -3.17
CA HIS A 189 -11.96 17.79 -3.13
C HIS A 189 -12.61 17.70 -4.51
N LYS A 190 -13.62 16.85 -4.65
CA LYS A 190 -14.34 16.72 -5.93
C LYS A 190 -14.70 18.09 -6.57
N GLN A 191 -14.96 19.10 -5.74
CA GLN A 191 -15.31 20.40 -6.30
C GLN A 191 -14.12 21.09 -6.94
N LEU A 192 -12.91 20.68 -6.58
CA LEU A 192 -11.73 21.42 -7.03
C LEU A 192 -10.94 20.66 -8.09
N ARG A 193 -11.54 19.62 -8.63
CA ARG A 193 -10.85 18.73 -9.57
C ARG A 193 -10.44 19.34 -10.94
N GLU A 194 -9.30 18.91 -11.49
CA GLU A 194 -8.85 19.35 -12.81
C GLU A 194 -8.56 20.86 -12.83
N LYS A 195 -8.24 21.42 -11.68
CA LYS A 195 -7.82 22.81 -11.53
C LYS A 195 -6.32 22.90 -11.19
N ARG A 196 -5.58 21.80 -11.42
CA ARG A 196 -4.13 21.79 -11.30
C ARG A 196 -3.66 21.95 -9.86
N LEU A 197 -4.50 21.61 -8.90
CA LEU A 197 -4.09 21.67 -7.48
C LEU A 197 -3.16 20.46 -7.09
N ALA A 198 -3.29 19.34 -7.79
CA ALA A 198 -2.53 18.16 -7.42
C ALA A 198 -0.99 18.39 -7.62
N PRO A 199 -0.56 18.94 -8.76
CA PRO A 199 0.85 19.38 -8.92
C PRO A 199 1.38 20.26 -7.76
N ILE A 200 0.54 21.17 -7.26
CA ILE A 200 0.95 22.08 -6.19
C ILE A 200 1.18 21.29 -4.88
N LEU A 201 0.25 20.39 -4.57
CA LEU A 201 0.34 19.53 -3.39
C LEU A 201 1.61 18.71 -3.47
N ILE A 202 1.88 18.19 -4.65
CA ILE A 202 3.03 17.33 -4.85
C ILE A 202 4.34 18.15 -4.70
N LYS A 203 4.38 19.37 -5.25
CA LYS A 203 5.56 20.26 -5.14
C LYS A 203 5.82 20.68 -3.66
N GLU A 204 4.79 21.01 -2.92
CA GLU A 204 4.98 21.39 -1.56
C GLU A 204 5.41 20.14 -0.76
N ALA A 205 4.77 18.98 -1.02
CA ALA A 205 5.23 17.79 -0.29
C ALA A 205 6.71 17.57 -0.58
N THR A 206 7.08 17.64 -1.86
CA THR A 206 8.46 17.44 -2.28
C THR A 206 9.38 18.45 -1.53
N ARG A 207 9.01 19.73 -1.46
CA ARG A 207 9.81 20.72 -0.70
C ARG A 207 10.02 20.29 0.75
N ARG A 208 8.93 19.96 1.43
CA ARG A 208 9.02 19.63 2.87
C ARG A 208 9.92 18.44 3.10
N VAL A 209 9.79 17.43 2.24
CA VAL A 209 10.65 16.22 2.33
C VAL A 209 12.13 16.55 2.03
N ASN A 210 12.39 17.29 0.97
CA ASN A 210 13.77 17.73 0.65
C ASN A 210 14.41 18.53 1.80
N ARG A 211 13.60 19.33 2.49
CA ARG A 211 14.10 20.17 3.59
C ARG A 211 14.51 19.29 4.78
N THR A 212 14.10 18.04 4.72
CA THR A 212 14.50 17.03 5.72
C THR A 212 15.63 16.24 5.21
N ASN A 213 16.20 16.67 4.10
CA ASN A 213 17.34 16.01 3.47
C ASN A 213 16.99 14.61 2.99
N VAL A 214 15.79 14.48 2.40
CA VAL A 214 15.38 13.23 1.79
C VAL A 214 15.05 13.52 0.33
N TRP A 215 15.52 12.66 -0.59
CA TRP A 215 15.59 13.01 -2.01
C TRP A 215 14.84 12.01 -2.88
N GLN A 216 14.46 10.87 -2.31
CA GLN A 216 13.61 9.90 -3.00
C GLN A 216 12.23 9.74 -2.35
N ALA A 217 11.24 9.29 -3.15
CA ALA A 217 9.98 8.82 -2.60
C ALA A 217 9.55 7.55 -3.34
N VAL A 218 8.73 6.71 -2.65
CA VAL A 218 8.13 5.62 -3.33
C VAL A 218 6.59 5.86 -3.21
N TYR A 219 5.82 5.53 -4.26
CA TYR A 219 4.35 5.67 -4.16
C TYR A 219 3.74 4.68 -5.08
N THR A 220 2.46 4.36 -4.87
CA THR A 220 1.72 3.52 -5.82
C THR A 220 0.44 4.28 -6.23
N ALA A 221 -0.13 3.85 -7.36
CA ALA A 221 -1.43 4.30 -7.83
C ALA A 221 -2.02 3.29 -8.78
N GLY A 222 -3.36 3.31 -8.83
CA GLY A 222 -4.10 2.50 -9.76
C GLY A 222 -3.99 3.10 -11.16
N VAL A 223 -3.59 4.36 -11.28
CA VAL A 223 -3.54 4.99 -12.60
C VAL A 223 -2.13 4.88 -13.22
N LEU A 224 -2.03 4.92 -14.57
CA LEU A 224 -0.68 4.92 -15.26
C LEU A 224 -0.13 6.31 -15.34
N LEU A 225 1.03 6.51 -14.67
CA LEU A 225 1.76 7.74 -14.71
C LEU A 225 3.20 7.46 -15.24
N PRO A 226 3.97 8.50 -15.58
CA PRO A 226 5.40 8.22 -15.87
C PRO A 226 6.18 8.02 -14.55
N THR A 227 6.92 6.93 -14.38
CA THR A 227 6.81 5.73 -15.16
C THR A 227 6.99 4.58 -14.13
N PRO A 228 6.12 3.55 -14.17
CA PRO A 228 6.19 2.52 -13.09
C PRO A 228 7.42 1.67 -13.25
N TYR A 229 8.00 1.24 -12.12
CA TYR A 229 9.05 0.22 -12.17
C TYR A 229 8.43 -1.15 -12.03
N ALA A 230 7.18 -1.22 -11.53
CA ALA A 230 6.54 -2.50 -11.40
C ALA A 230 5.05 -2.29 -11.44
N SER A 231 4.33 -3.32 -11.84
CA SER A 231 2.87 -3.25 -11.95
C SER A 231 2.32 -4.63 -11.63
N GLY A 232 1.34 -4.68 -10.76
CA GLY A 232 0.72 -5.99 -10.53
C GLY A 232 -0.79 -5.96 -10.55
N GLN A 233 -1.40 -7.10 -10.93
CA GLN A 233 -2.84 -7.17 -10.88
C GLN A 233 -3.30 -7.27 -9.44
N TYR A 234 -4.53 -6.81 -9.20
CA TYR A 234 -5.24 -7.17 -7.99
C TYR A 234 -5.87 -8.55 -8.03
N PHE A 235 -6.04 -9.13 -6.85
CA PHE A 235 -6.73 -10.40 -6.61
C PHE A 235 -7.73 -10.25 -5.43
N HIS A 236 -8.86 -10.92 -5.54
CA HIS A 236 -9.91 -10.89 -4.48
C HIS A 236 -10.30 -12.31 -4.15
N ARG A 237 -10.69 -12.51 -2.89
CA ARG A 237 -11.10 -13.84 -2.44
C ARG A 237 -12.41 -13.63 -1.68
N SER A 238 -13.48 -14.09 -2.31
CA SER A 238 -14.80 -13.92 -1.77
C SER A 238 -14.96 -14.62 -0.45
N LEU A 239 -15.44 -13.88 0.55
CA LEU A 239 -15.66 -14.49 1.84
C LEU A 239 -17.18 -14.52 2.13
N ASN A 240 -17.88 -13.50 1.62
CA ASN A 240 -19.36 -13.34 1.71
C ASN A 240 -19.95 -13.16 0.32
N PRO A 241 -19.99 -14.26 -0.49
CA PRO A 241 -20.39 -14.09 -1.87
C PRO A 241 -21.81 -13.56 -2.10
N GLU A 242 -22.75 -13.85 -1.18
CA GLU A 242 -24.12 -13.32 -1.35
C GLU A 242 -24.08 -11.81 -1.29
N LYS A 243 -23.37 -11.23 -0.31
CA LYS A 243 -23.26 -9.76 -0.22
C LYS A 243 -22.55 -9.16 -1.47
N LEU A 244 -21.43 -9.78 -1.88
CA LEU A 244 -20.62 -9.32 -3.03
C LEU A 244 -21.40 -9.31 -4.34
N VAL A 245 -22.25 -10.32 -4.52
CA VAL A 245 -23.12 -10.36 -5.71
C VAL A 245 -24.18 -9.27 -5.59
N GLU A 246 -24.79 -9.17 -4.43
CA GLU A 246 -25.86 -8.19 -4.22
C GLU A 246 -25.36 -6.72 -4.50
N ILE A 247 -24.17 -6.37 -3.98
CA ILE A 247 -23.57 -5.06 -4.28
C ILE A 247 -22.95 -4.93 -5.67
N ARG A 248 -23.02 -6.00 -6.46
CA ARG A 248 -22.44 -6.09 -7.80
C ARG A 248 -20.92 -5.95 -7.90
N PHE A 249 -20.25 -6.35 -6.83
CA PHE A 249 -18.81 -6.54 -6.92
C PHE A 249 -18.51 -7.81 -7.73
N SER A 250 -19.27 -8.85 -7.50
CA SER A 250 -19.09 -10.14 -8.13
C SER A 250 -20.30 -10.42 -8.98
N GLY A 251 -20.13 -11.30 -9.97
CA GLY A 251 -21.27 -11.93 -10.64
C GLY A 251 -21.36 -13.41 -10.33
N ILE A 252 -22.54 -14.00 -10.60
CA ILE A 252 -22.76 -15.45 -10.57
C ILE A 252 -22.31 -15.91 -11.94
N PRO A 253 -21.11 -16.53 -12.07
CA PRO A 253 -20.62 -16.77 -13.43
C PRO A 253 -21.55 -17.68 -14.27
N ALA A 254 -21.53 -17.45 -15.58
CA ALA A 254 -22.48 -18.07 -16.52
C ALA A 254 -22.47 -19.60 -16.53
N GLN A 255 -21.49 -20.20 -15.84
CA GLN A 255 -21.45 -21.66 -15.67
C GLN A 255 -22.32 -22.09 -14.49
N TYR A 256 -22.61 -21.15 -13.60
CA TYR A 256 -23.54 -21.38 -12.49
C TYR A 256 -24.95 -21.32 -13.00
N GLN A 257 -25.09 -21.01 -14.31
CA GLN A 257 -26.40 -20.85 -14.93
C GLN A 257 -27.09 -22.18 -15.08
N LYS A 258 -26.48 -23.06 -15.89
CA LYS A 258 -26.97 -24.41 -16.12
C LYS A 258 -26.98 -25.25 -14.81
N PHE A 259 -26.77 -24.57 -13.68
CA PHE A 259 -27.02 -25.13 -12.34
C PHE A 259 -28.40 -24.72 -11.83
N GLN A 260 -28.88 -25.43 -10.82
CA GLN A 260 -30.26 -25.30 -10.37
C GLN A 260 -30.51 -24.04 -9.53
N ASN A 261 -29.85 -23.97 -8.36
CA ASN A 261 -29.99 -22.86 -7.40
C ASN A 261 -28.62 -22.20 -7.05
N PRO A 262 -28.08 -21.40 -8.00
CA PRO A 262 -26.77 -20.74 -8.01
C PRO A 262 -26.25 -20.17 -6.68
N MET A 263 -27.06 -19.44 -5.95
CA MET A 263 -26.50 -18.82 -4.76
C MET A 263 -26.05 -19.81 -3.67
N ALA A 264 -26.71 -20.98 -3.60
CA ALA A 264 -26.34 -22.00 -2.63
C ALA A 264 -25.01 -22.62 -3.05
N MET A 265 -24.85 -22.86 -4.35
CA MET A 265 -23.62 -23.39 -4.94
C MET A 265 -22.45 -22.42 -4.72
N LEU A 266 -22.74 -21.13 -4.86
CA LEU A 266 -21.70 -20.10 -4.80
C LEU A 266 -21.22 -20.05 -3.37
N LYS A 267 -22.18 -20.02 -2.45
CA LYS A 267 -21.82 -20.03 -1.06
C LYS A 267 -21.02 -21.26 -0.69
N ARG A 268 -21.39 -22.41 -1.23
CA ARG A 268 -20.68 -23.63 -0.94
C ARG A 268 -19.25 -23.59 -1.50
N ASN A 269 -19.06 -23.01 -2.68
CA ASN A 269 -17.78 -22.93 -3.30
C ASN A 269 -16.71 -22.16 -2.46
N TYR A 270 -17.18 -21.14 -1.76
CA TYR A 270 -16.34 -20.22 -0.97
C TYR A 270 -16.35 -20.42 0.56
N GLN A 271 -17.17 -21.37 1.01
CA GLN A 271 -17.26 -21.72 2.41
C GLN A 271 -15.90 -22.01 2.98
N LEU A 272 -15.73 -21.64 4.25
CA LEU A 272 -14.48 -21.80 4.96
C LEU A 272 -14.72 -22.42 6.32
N PRO A 273 -13.67 -23.06 6.90
CA PRO A 273 -13.81 -23.60 8.25
C PRO A 273 -14.11 -22.49 9.23
N SER A 274 -14.68 -22.83 10.38
CA SER A 274 -14.98 -21.81 11.39
C SER A 274 -13.77 -21.48 12.24
N ALA A 275 -12.80 -22.36 12.27
CA ALA A 275 -11.64 -22.15 13.14
C ALA A 275 -10.40 -22.49 12.36
N PRO A 276 -9.30 -21.80 12.65
CA PRO A 276 -8.00 -21.98 12.04
C PRO A 276 -7.52 -23.43 12.06
N LYS A 277 -6.71 -23.81 11.09
CA LYS A 277 -6.28 -25.19 10.98
C LYS A 277 -4.92 -25.43 11.59
N ASN A 278 -4.10 -24.39 11.73
CA ASN A 278 -2.77 -24.60 12.27
C ASN A 278 -2.83 -24.52 13.78
N SER A 279 -2.56 -25.64 14.44
CA SER A 279 -2.44 -25.64 15.87
C SER A 279 -1.16 -24.83 16.13
N GLY A 280 -1.15 -24.05 17.16
CA GLY A 280 0.00 -23.13 17.26
C GLY A 280 -0.45 -21.72 16.91
N LEU A 281 -1.49 -21.57 16.08
CA LEU A 281 -1.96 -20.21 15.76
C LEU A 281 -2.54 -19.44 16.94
N ARG A 282 -2.10 -18.19 17.13
CA ARG A 282 -2.68 -17.25 18.11
C ARG A 282 -2.35 -15.81 17.66
N GLU A 283 -2.97 -14.79 18.25
CA GLU A 283 -2.61 -13.41 17.92
C GLU A 283 -1.20 -13.09 18.38
N MET A 284 -0.56 -12.22 17.66
CA MET A 284 0.77 -11.79 17.97
C MET A 284 0.68 -10.98 19.25
N LYS A 285 1.76 -10.98 20.04
CA LYS A 285 1.89 -10.50 21.44
C LYS A 285 3.06 -9.52 21.29
N PRO A 286 3.17 -8.50 22.17
CA PRO A 286 4.43 -7.66 22.10
C PRO A 286 5.73 -8.49 22.22
N SER A 287 5.75 -9.57 23.01
CA SER A 287 7.06 -10.26 23.13
C SER A 287 7.46 -11.06 21.89
N ASP A 288 6.51 -11.16 20.93
CA ASP A 288 6.81 -11.81 19.66
C ASP A 288 7.63 -10.90 18.71
N VAL A 289 7.71 -9.62 19.05
CA VAL A 289 8.27 -8.64 18.13
C VAL A 289 9.67 -9.04 17.61
N PRO A 290 10.65 -9.42 18.49
CA PRO A 290 11.96 -9.73 17.88
C PRO A 290 11.93 -10.93 16.90
N GLN A 291 11.23 -11.99 17.22
CA GLN A 291 11.20 -13.19 16.34
C GLN A 291 10.47 -12.88 14.99
N VAL A 292 9.36 -12.16 15.05
CA VAL A 292 8.59 -11.76 13.83
C VAL A 292 9.48 -10.91 12.93
N ARG A 293 10.16 -9.95 13.54
CA ARG A 293 11.13 -9.14 12.84
C ARG A 293 12.16 -9.98 12.12
N ARG A 294 12.79 -10.90 12.83
CA ARG A 294 13.77 -11.80 12.20
C ARG A 294 13.23 -12.64 11.02
N ILE A 295 12.17 -13.41 11.22
CA ILE A 295 11.62 -14.19 10.13
C ILE A 295 11.09 -13.30 8.99
N LEU A 296 10.53 -12.13 9.34
CA LEU A 296 10.12 -11.20 8.25
C LEU A 296 11.31 -10.67 7.51
N MET A 297 12.32 -10.14 8.23
CA MET A 297 13.49 -9.54 7.54
C MET A 297 14.20 -10.58 6.65
N ASN A 298 14.25 -11.83 7.13
CA ASN A 298 14.92 -12.93 6.40
C ASN A 298 14.18 -13.18 5.10
N TYR A 299 12.87 -13.16 5.18
CA TYR A 299 12.09 -13.31 3.98
C TYR A 299 12.14 -12.13 3.00
N LEU A 300 11.88 -10.90 3.48
CA LEU A 300 11.79 -9.72 2.63
C LEU A 300 13.10 -9.46 2.01
N ASP A 301 14.15 -9.82 2.73
CA ASP A 301 15.49 -9.69 2.18
C ASP A 301 15.75 -10.45 0.88
N SER A 302 14.92 -11.42 0.51
CA SER A 302 15.10 -12.06 -0.72
C SER A 302 14.54 -11.28 -1.95
N PHE A 303 13.80 -10.18 -1.74
CA PHE A 303 13.17 -9.47 -2.87
C PHE A 303 14.04 -8.32 -3.25
N ASP A 304 14.03 -7.89 -4.51
CA ASP A 304 14.81 -6.71 -4.93
C ASP A 304 14.48 -5.40 -4.26
N VAL A 305 13.18 -5.12 -4.10
CA VAL A 305 12.73 -3.88 -3.45
C VAL A 305 11.94 -4.31 -2.19
N GLY A 306 12.33 -3.78 -1.02
CA GLY A 306 11.53 -4.12 0.15
C GLY A 306 11.98 -3.34 1.32
N PRO A 307 11.06 -3.15 2.28
CA PRO A 307 11.42 -2.35 3.40
C PRO A 307 12.34 -3.08 4.43
N VAL A 308 12.95 -2.27 5.30
CA VAL A 308 13.67 -2.71 6.51
C VAL A 308 13.01 -2.08 7.73
N PHE A 309 12.66 -2.95 8.67
CA PHE A 309 11.93 -2.52 9.85
C PHE A 309 12.76 -2.74 11.13
N SER A 310 12.80 -1.73 11.99
CA SER A 310 13.30 -1.93 13.36
C SER A 310 12.24 -2.67 14.22
N ASP A 311 12.62 -3.04 15.46
CA ASP A 311 11.60 -3.63 16.38
C ASP A 311 10.44 -2.65 16.55
N ALA A 312 10.73 -1.35 16.69
CA ALA A 312 9.68 -0.35 16.89
C ALA A 312 8.68 -0.36 15.69
N GLU A 313 9.21 -0.51 14.47
CA GLU A 313 8.35 -0.53 13.26
C GLU A 313 7.56 -1.81 13.11
N ILE A 314 8.19 -2.95 13.50
CA ILE A 314 7.46 -4.25 13.54
C ILE A 314 6.32 -4.13 14.56
N SER A 315 6.56 -3.55 15.75
CA SER A 315 5.46 -3.42 16.75
C SER A 315 4.40 -2.55 16.18
N HIS A 316 4.78 -1.43 15.58
CA HIS A 316 3.77 -0.48 15.08
C HIS A 316 2.86 -1.06 13.98
N TYR A 317 3.54 -1.63 12.98
CA TYR A 317 2.87 -2.12 11.75
C TYR A 317 2.21 -3.45 11.95
N LEU A 318 2.66 -4.22 12.95
CA LEU A 318 2.10 -5.63 13.04
C LEU A 318 1.37 -5.96 14.30
N LEU A 319 1.65 -5.32 15.42
CA LEU A 319 0.83 -5.69 16.62
C LEU A 319 -0.67 -5.44 16.39
N PRO A 320 -1.50 -6.38 16.82
CA PRO A 320 -2.96 -6.18 16.54
C PRO A 320 -3.48 -4.82 17.05
N ARG A 321 -4.37 -4.19 16.28
CA ARG A 321 -4.98 -2.93 16.74
C ARG A 321 -6.42 -2.99 16.34
N ASP A 322 -7.37 -2.91 17.28
CA ASP A 322 -8.80 -3.17 16.94
C ASP A 322 -9.35 -2.46 15.71
N GLY A 323 -10.06 -3.20 14.88
CA GLY A 323 -10.61 -2.77 13.58
C GLY A 323 -9.58 -2.26 12.53
N VAL A 324 -8.29 -2.51 12.76
CA VAL A 324 -7.24 -1.85 11.92
C VAL A 324 -6.31 -2.94 11.38
N VAL A 325 -5.61 -3.62 12.25
CA VAL A 325 -4.62 -4.62 11.76
C VAL A 325 -4.75 -5.84 12.67
N PHE A 326 -4.46 -7.04 12.12
CA PHE A 326 -4.88 -8.31 12.70
C PHE A 326 -3.69 -9.17 12.40
N THR A 327 -3.05 -9.71 13.42
CA THR A 327 -1.77 -10.41 13.15
C THR A 327 -1.71 -11.62 14.02
N TYR A 328 -1.33 -12.75 13.43
CA TYR A 328 -1.36 -14.06 14.05
C TYR A 328 -0.07 -14.69 13.76
N VAL A 329 0.43 -15.43 14.73
CA VAL A 329 1.75 -16.06 14.59
C VAL A 329 1.47 -17.56 14.75
N VAL A 330 2.34 -18.38 14.15
CA VAL A 330 2.41 -19.81 14.51
C VAL A 330 3.60 -20.05 15.44
N GLU A 331 3.28 -20.54 16.62
CA GLU A 331 4.30 -20.75 17.63
C GLU A 331 4.40 -22.23 17.90
N ASN A 332 5.58 -22.78 17.63
CA ASN A 332 5.87 -24.20 17.90
C ASN A 332 6.99 -24.22 18.90
N ASP A 333 6.86 -25.00 19.97
CA ASP A 333 7.99 -25.22 20.92
C ASP A 333 8.45 -23.85 21.49
N LYS A 334 7.43 -23.08 21.89
CA LYS A 334 7.60 -21.67 22.30
C LYS A 334 8.42 -20.80 21.29
N LYS A 335 8.50 -21.22 20.02
CA LYS A 335 9.16 -20.41 19.02
C LYS A 335 8.17 -19.93 17.93
N VAL A 336 8.20 -18.66 17.58
CA VAL A 336 7.40 -18.19 16.43
C VAL A 336 8.05 -18.62 15.13
N THR A 337 7.42 -19.52 14.40
CA THR A 337 8.03 -19.97 13.16
C THR A 337 7.30 -19.45 11.89
N ASP A 338 6.08 -18.91 12.04
CA ASP A 338 5.33 -18.35 10.89
C ASP A 338 4.44 -17.24 11.39
N PHE A 339 4.05 -16.33 10.49
CA PHE A 339 3.04 -15.34 10.88
C PHE A 339 2.34 -14.78 9.65
N PHE A 340 1.14 -14.30 9.84
CA PHE A 340 0.53 -13.50 8.77
C PHE A 340 -0.17 -12.29 9.40
N SER A 341 -0.42 -11.29 8.58
CA SER A 341 -1.15 -10.12 9.04
C SER A 341 -2.12 -9.71 7.87
N PHE A 342 -3.25 -9.08 8.21
CA PHE A 342 -4.04 -8.38 7.22
C PHE A 342 -4.56 -7.10 7.86
N TYR A 343 -4.94 -6.08 7.04
CA TYR A 343 -5.50 -4.85 7.61
C TYR A 343 -6.88 -4.62 7.00
N ARG A 344 -7.64 -3.74 7.64
CA ARG A 344 -9.01 -3.51 7.27
C ARG A 344 -9.14 -2.18 6.62
N ILE A 345 -9.78 -2.15 5.45
CA ILE A 345 -10.26 -0.89 4.87
C ILE A 345 -11.69 -1.14 4.39
N PRO A 346 -12.68 -0.53 5.08
CA PRO A 346 -14.04 -0.59 4.53
C PRO A 346 -14.18 0.35 3.33
N SER A 347 -15.10 0.03 2.42
CA SER A 347 -15.45 0.89 1.30
C SER A 347 -16.93 1.27 1.37
N THR A 348 -17.24 2.55 1.13
CA THR A 348 -18.64 2.89 0.91
C THR A 348 -19.16 2.22 -0.38
N VAL A 349 -20.33 1.62 -0.27
CA VAL A 349 -20.99 1.06 -1.42
C VAL A 349 -21.90 2.22 -1.93
N ILE A 350 -21.61 2.70 -3.13
CA ILE A 350 -22.19 4.00 -3.55
C ILE A 350 -23.61 3.92 -4.04
N GLY A 351 -23.92 2.94 -4.87
CA GLY A 351 -25.30 2.83 -5.37
C GLY A 351 -26.26 2.26 -4.33
N ASN A 352 -26.25 0.91 -4.25
CA ASN A 352 -27.09 0.01 -3.42
C ASN A 352 -28.17 0.49 -2.39
N SER A 353 -29.26 -0.28 -2.29
CA SER A 353 -30.26 -0.16 -1.20
C SER A 353 -29.66 -0.79 0.06
N ASN A 354 -29.69 -2.14 0.12
CA ASN A 354 -29.35 -2.96 1.30
C ASN A 354 -28.02 -2.72 2.05
N TYR A 355 -26.98 -2.24 1.36
CA TYR A 355 -25.67 -2.14 2.02
C TYR A 355 -25.03 -0.76 2.01
N ASN A 356 -24.42 -0.40 3.11
CA ASN A 356 -23.74 0.88 3.13
C ASN A 356 -22.22 0.68 2.92
N LEU A 357 -21.69 -0.44 3.46
CA LEU A 357 -20.24 -0.64 3.61
C LEU A 357 -19.85 -2.03 3.19
N LEU A 358 -18.67 -2.08 2.54
CA LEU A 358 -18.08 -3.35 2.21
C LEU A 358 -16.93 -3.53 3.20
N ASN A 359 -16.78 -4.69 3.82
CA ASN A 359 -15.78 -4.83 4.84
C ASN A 359 -14.59 -5.61 4.26
N ALA A 360 -13.51 -4.94 3.84
CA ALA A 360 -12.46 -5.71 3.13
C ALA A 360 -11.22 -5.87 3.97
N ALA A 361 -10.64 -7.07 3.94
CA ALA A 361 -9.30 -7.39 4.49
C ALA A 361 -8.31 -7.40 3.35
N TYR A 362 -7.11 -6.85 3.57
CA TYR A 362 -6.03 -6.78 2.57
C TYR A 362 -4.87 -7.56 3.16
N VAL A 363 -4.32 -8.49 2.39
CA VAL A 363 -3.19 -9.24 2.91
C VAL A 363 -2.04 -8.24 3.13
N HIS A 364 -1.40 -8.32 4.30
CA HIS A 364 -0.34 -7.39 4.67
C HIS A 364 0.97 -8.27 4.58
N TYR A 365 1.87 -8.16 5.55
CA TYR A 365 3.14 -8.95 5.50
C TYR A 365 2.88 -10.32 6.12
N TYR A 366 3.77 -11.25 5.81
CA TYR A 366 3.71 -12.59 6.33
C TYR A 366 5.10 -13.23 6.16
N ALA A 367 5.25 -14.42 6.77
CA ALA A 367 6.46 -15.26 6.54
C ALA A 367 6.07 -16.66 6.92
N ALA A 368 6.42 -17.64 6.08
CA ALA A 368 6.23 -19.07 6.41
C ALA A 368 7.60 -19.74 6.49
N THR A 369 7.93 -20.39 7.60
CA THR A 369 9.10 -21.29 7.58
C THR A 369 8.82 -22.76 7.86
N SER A 370 7.63 -23.09 8.32
CA SER A 370 7.36 -24.41 8.82
C SER A 370 6.25 -25.07 8.01
N ILE A 371 5.56 -24.27 7.20
CA ILE A 371 4.35 -24.80 6.48
C ILE A 371 4.26 -24.19 5.08
N PRO A 372 3.56 -24.86 4.12
CA PRO A 372 3.49 -24.22 2.81
C PRO A 372 2.72 -22.92 2.98
N LEU A 373 3.10 -21.94 2.18
CA LEU A 373 2.42 -20.66 2.20
C LEU A 373 0.89 -20.75 2.07
N HIS A 374 0.33 -21.60 1.19
CA HIS A 374 -1.17 -21.74 1.10
C HIS A 374 -1.85 -22.20 2.38
N GLN A 375 -1.18 -23.05 3.17
CA GLN A 375 -1.81 -23.49 4.47
C GLN A 375 -1.83 -22.35 5.53
N LEU A 376 -0.82 -21.50 5.45
CA LEU A 376 -0.76 -20.36 6.37
C LEU A 376 -1.85 -19.29 6.02
N ILE A 377 -2.00 -18.98 4.73
CA ILE A 377 -2.89 -17.96 4.23
C ILE A 377 -4.31 -18.46 4.26
N LEU A 378 -4.52 -19.77 4.19
CA LEU A 378 -5.89 -20.29 4.45
C LEU A 378 -6.38 -19.85 5.82
N ASP A 379 -5.53 -19.93 6.85
CA ASP A 379 -5.91 -19.43 8.18
C ASP A 379 -6.17 -17.92 8.20
N LEU A 380 -5.46 -17.16 7.37
CA LEU A 380 -5.82 -15.72 7.21
C LEU A 380 -7.26 -15.59 6.71
N LEU A 381 -7.64 -16.35 5.67
CA LEU A 381 -9.01 -16.29 5.16
C LEU A 381 -10.03 -16.73 6.21
N ILE A 382 -9.69 -17.78 6.97
CA ILE A 382 -10.63 -18.32 7.98
C ILE A 382 -10.88 -17.30 9.06
N VAL A 383 -9.78 -16.73 9.58
CA VAL A 383 -9.88 -15.63 10.53
C VAL A 383 -10.69 -14.42 9.99
N ALA A 384 -10.33 -13.97 8.80
CA ALA A 384 -11.02 -12.82 8.25
C ALA A 384 -12.53 -13.11 8.10
N HIS A 385 -12.82 -14.30 7.64
CA HIS A 385 -14.21 -14.63 7.38
C HIS A 385 -14.91 -14.67 8.74
N SER A 386 -14.23 -15.23 9.72
CA SER A 386 -14.86 -15.45 11.03
C SER A 386 -15.08 -14.11 11.75
N ARG A 387 -14.22 -13.13 11.45
CA ARG A 387 -14.39 -11.77 11.99
C ARG A 387 -15.27 -10.84 11.18
N GLY A 388 -16.00 -11.35 10.20
CA GLY A 388 -16.99 -10.51 9.55
C GLY A 388 -16.57 -9.79 8.29
N PHE A 389 -15.41 -10.14 7.70
CA PHE A 389 -15.01 -9.49 6.46
C PHE A 389 -15.73 -10.09 5.27
N ASP A 390 -16.01 -9.28 4.28
CA ASP A 390 -16.72 -9.73 3.08
C ASP A 390 -15.78 -10.27 1.97
N VAL A 391 -14.53 -9.83 1.95
CA VAL A 391 -13.64 -10.16 0.84
C VAL A 391 -12.20 -9.94 1.38
N CYS A 392 -11.26 -10.68 0.82
CA CYS A 392 -9.87 -10.49 1.13
C CYS A 392 -9.20 -10.10 -0.17
N ASN A 393 -8.44 -9.02 -0.15
CA ASN A 393 -7.83 -8.47 -1.36
C ASN A 393 -6.31 -8.52 -1.22
N MET A 394 -5.60 -8.58 -2.36
CA MET A 394 -4.13 -8.39 -2.33
C MET A 394 -3.65 -8.00 -3.74
N VAL A 395 -2.37 -7.65 -3.88
CA VAL A 395 -1.79 -7.43 -5.21
C VAL A 395 -0.79 -8.55 -5.36
N GLU A 396 -0.45 -8.90 -6.61
CA GLU A 396 0.47 -10.02 -6.83
C GLU A 396 1.95 -9.71 -6.51
N ILE A 397 2.21 -9.05 -5.37
CA ILE A 397 3.63 -8.84 -4.93
C ILE A 397 4.04 -9.98 -3.99
N LEU A 398 5.22 -9.91 -3.37
CA LEU A 398 5.68 -10.98 -2.47
C LEU A 398 5.52 -12.35 -3.22
N ASP A 399 5.07 -13.37 -2.50
CA ASP A 399 4.75 -14.66 -3.14
C ASP A 399 3.27 -14.91 -3.13
N ASN A 400 2.48 -13.83 -3.21
CA ASN A 400 1.01 -13.87 -3.29
C ASN A 400 0.50 -14.72 -4.46
N ARG A 401 1.19 -14.71 -5.62
CA ARG A 401 0.77 -15.65 -6.71
C ARG A 401 0.77 -17.14 -6.33
N SER A 402 1.55 -17.53 -5.33
CA SER A 402 1.75 -18.98 -4.97
C SER A 402 0.53 -19.62 -4.30
N PHE A 403 -0.44 -18.82 -3.87
CA PHE A 403 -1.63 -19.38 -3.27
C PHE A 403 -2.94 -18.95 -3.95
N VAL A 404 -2.86 -18.24 -5.06
CA VAL A 404 -4.05 -17.75 -5.76
C VAL A 404 -5.03 -18.86 -6.08
N GLU A 405 -4.57 -19.89 -6.76
CA GLU A 405 -5.50 -20.89 -7.30
C GLU A 405 -6.03 -21.76 -6.21
N GLN A 406 -5.15 -22.24 -5.36
CA GLN A 406 -5.67 -23.10 -4.31
C GLN A 406 -6.60 -22.43 -3.32
N LEU A 407 -6.39 -21.17 -3.04
CA LEU A 407 -7.29 -20.48 -2.10
C LEU A 407 -8.46 -19.78 -2.82
N LYS A 408 -8.61 -20.02 -4.14
CA LYS A 408 -9.79 -19.49 -4.84
C LYS A 408 -9.79 -17.93 -4.93
N PHE A 409 -8.61 -17.31 -5.10
CA PHE A 409 -8.54 -15.83 -5.40
C PHE A 409 -8.81 -15.68 -6.94
N GLY A 410 -9.50 -14.63 -7.35
CA GLY A 410 -9.63 -14.28 -8.78
C GLY A 410 -9.00 -12.92 -9.03
N ALA A 411 -8.35 -12.77 -10.21
CA ALA A 411 -7.79 -11.51 -10.71
C ALA A 411 -8.87 -10.50 -10.79
N GLY A 412 -8.59 -9.26 -10.36
CA GLY A 412 -9.63 -8.21 -10.39
C GLY A 412 -9.41 -7.32 -11.61
N ASP A 413 -10.00 -6.13 -11.58
CA ASP A 413 -9.85 -5.16 -12.66
C ASP A 413 -8.61 -4.30 -12.64
N GLY A 414 -8.24 -3.82 -11.49
CA GLY A 414 -7.19 -2.79 -11.51
C GLY A 414 -5.80 -3.42 -11.68
N HIS A 415 -4.83 -2.61 -12.16
CA HIS A 415 -3.41 -2.84 -11.82
C HIS A 415 -2.94 -1.79 -10.80
N LEU A 416 -2.22 -2.22 -9.77
CA LEU A 416 -1.45 -1.32 -8.87
C LEU A 416 -0.04 -1.13 -9.46
N ARG A 417 0.37 0.12 -9.70
CA ARG A 417 1.64 0.47 -10.32
C ARG A 417 2.49 1.03 -9.19
N TYR A 418 3.76 0.64 -9.14
CA TYR A 418 4.73 1.11 -8.17
C TYR A 418 5.69 2.13 -8.83
N TYR A 419 6.01 3.23 -8.11
CA TYR A 419 6.79 4.36 -8.71
C TYR A 419 7.79 4.80 -7.73
N PHE A 420 8.95 5.26 -8.22
CA PHE A 420 9.86 6.04 -7.45
C PHE A 420 9.84 7.42 -7.98
N TYR A 421 10.09 8.38 -7.07
CA TYR A 421 10.38 9.75 -7.43
C TYR A 421 11.86 9.97 -7.28
N ASN A 422 12.48 10.56 -8.29
CA ASN A 422 13.93 10.83 -8.31
C ASN A 422 14.83 9.56 -8.13
N TRP A 423 14.52 8.48 -8.85
CA TRP A 423 15.27 7.22 -8.72
C TRP A 423 15.09 6.45 -10.01
N ALA A 424 16.17 6.32 -10.77
CA ALA A 424 16.22 5.49 -11.97
C ALA A 424 16.21 4.07 -11.49
N TYR A 425 15.30 3.26 -12.03
CA TYR A 425 15.17 1.88 -11.58
C TYR A 425 14.70 1.03 -12.79
N PRO A 426 15.36 -0.13 -13.00
CA PRO A 426 14.94 -1.00 -14.11
C PRO A 426 13.53 -1.54 -13.84
N LYS A 427 12.84 -1.96 -14.89
CA LYS A 427 11.50 -2.54 -14.81
C LYS A 427 11.70 -3.90 -14.10
N ILE A 428 10.92 -4.22 -13.04
CA ILE A 428 11.00 -5.56 -12.40
C ILE A 428 9.58 -6.17 -12.36
N LYS A 429 9.48 -7.44 -12.10
CA LYS A 429 8.20 -8.06 -11.96
C LYS A 429 7.64 -7.73 -10.56
N PRO A 430 6.31 -7.82 -10.39
CA PRO A 430 5.76 -7.43 -9.04
C PRO A 430 6.14 -8.47 -8.00
N SER A 431 6.48 -9.68 -8.46
CA SER A 431 6.90 -10.72 -7.52
C SER A 431 8.32 -10.45 -7.01
N GLN A 432 8.95 -9.35 -7.45
CA GLN A 432 10.24 -8.95 -6.90
C GLN A 432 10.08 -7.73 -5.93
N VAL A 433 8.81 -7.45 -5.58
CA VAL A 433 8.48 -6.31 -4.72
C VAL A 433 7.96 -6.85 -3.40
N ALA A 434 8.56 -6.37 -2.32
CA ALA A 434 8.18 -6.76 -0.97
C ALA A 434 7.63 -5.61 -0.10
N LEU A 435 7.29 -4.46 -0.71
CA LEU A 435 6.71 -3.32 0.01
C LEU A 435 5.18 -3.27 -0.16
N VAL A 436 4.47 -3.47 0.95
CA VAL A 436 2.98 -3.38 0.94
C VAL A 436 2.65 -1.92 1.16
N MET A 437 1.75 -1.36 0.37
CA MET A 437 1.34 0.08 0.52
C MET A 437 -0.08 0.13 0.99
N LEU A 438 -0.36 0.89 2.06
CA LEU A 438 -1.66 0.82 2.78
C LEU A 438 -2.73 1.56 1.97
#